data_1SED
#
_entry.id   1SED
#
_cell.length_a   56.784
_cell.length_b   64.550
_cell.length_c   64.503
_cell.angle_alpha   111.37
_cell.angle_beta   107.19
_cell.angle_gamma   107.13
#
_symmetry.space_group_name_H-M   'P 1'
#
loop_
_entity.id
_entity.type
_entity.pdbx_description
1 polymer 'Hypothetical protein yhaI'
2 non-polymer 'ZINC ION'
3 non-polymer 'SODIUM ION'
4 non-polymer (4S)-2-METHYL-2,4-PENTANEDIOL
5 non-polymer GLYCEROL
6 water water
#
_entity_poly.entity_id   1
_entity_poly.type   'polypeptide(L)'
_entity_poly.pdbx_seq_one_letter_code
;GHMDSMDHRIERLEYYIQLLVKTVDMDRYPFYALLIDKGLSKEEGEAVMRICDELSEELATQKAQGFVTFDKLLALFAGQ
LNEKLDVHETIFALYEQGLYQELMEVFIDIMKHFDGS
;
_entity_poly.pdbx_strand_id   A,B,C
#
loop_
_chem_comp.id
_chem_comp.type
_chem_comp.name
_chem_comp.formula
GOL non-polymer GLYCEROL 'C3 H8 O3'
MPD non-polymer (4S)-2-METHYL-2,4-PENTANEDIOL 'C6 H14 O2'
NA non-polymer 'SODIUM ION' 'Na 1'
ZN non-polymer 'ZINC ION' 'Zn 2'
#
# COMPACT_ATOMS: atom_id res chain seq x y z
N ASP A 4 -1.32 3.27 27.55
CA ASP A 4 -0.25 4.32 27.61
C ASP A 4 0.59 4.33 26.33
N SER A 5 1.36 3.27 26.12
CA SER A 5 2.21 3.15 24.93
C SER A 5 1.40 2.55 23.79
N MET A 6 0.14 2.23 24.06
CA MET A 6 -0.75 1.68 23.04
C MET A 6 -1.07 2.83 22.11
N ASP A 7 -1.06 4.05 22.67
CA ASP A 7 -1.31 5.27 21.92
C ASP A 7 -0.15 5.52 20.96
N HIS A 8 1.07 5.24 21.42
CA HIS A 8 2.26 5.43 20.61
C HIS A 8 2.29 4.43 19.46
N ARG A 9 1.76 3.23 19.70
CA ARG A 9 1.72 2.22 18.66
C ARG A 9 0.75 2.69 17.58
N ILE A 10 -0.37 3.25 18.01
CA ILE A 10 -1.39 3.75 17.09
C ILE A 10 -0.89 4.95 16.29
N GLU A 11 -0.11 5.82 16.92
CA GLU A 11 0.43 6.99 16.24
C GLU A 11 1.38 6.57 15.13
N ARG A 12 2.16 5.53 15.40
CA ARG A 12 3.10 5.02 14.43
C ARG A 12 2.32 4.47 13.25
N LEU A 13 1.26 3.70 13.54
CA LEU A 13 0.41 3.13 12.48
C LEU A 13 -0.19 4.24 11.63
N GLU A 14 -0.61 5.32 12.29
CA GLU A 14 -1.19 6.45 11.58
C GLU A 14 -0.13 7.09 10.67
N TYR A 15 1.10 7.17 11.16
CA TYR A 15 2.19 7.74 10.35
C TYR A 15 2.43 6.83 9.15
N TYR A 16 2.46 5.52 9.39
CA TYR A 16 2.70 4.60 8.28
C TYR A 16 1.61 4.61 7.22
N ILE A 17 0.36 4.81 7.62
CA ILE A 17 -0.72 4.87 6.64
C ILE A 17 -0.48 6.13 5.81
N GLN A 18 -0.08 7.23 6.45
CA GLN A 18 0.17 8.47 5.72
C GLN A 18 1.31 8.27 4.71
N LEU A 19 2.27 7.41 5.05
CA LEU A 19 3.38 7.17 4.13
C LEU A 19 2.90 6.27 3.00
N LEU A 20 2.21 5.20 3.35
CA LEU A 20 1.73 4.27 2.36
C LEU A 20 0.74 4.88 1.37
N VAL A 21 -0.14 5.76 1.83
CA VAL A 21 -1.09 6.33 0.89
C VAL A 21 -0.33 7.15 -0.16
N LYS A 22 0.83 7.67 0.21
CA LYS A 22 1.66 8.44 -0.72
C LYS A 22 2.22 7.55 -1.82
N THR A 23 2.22 6.24 -1.60
CA THR A 23 2.75 5.30 -2.58
C THR A 23 1.68 4.69 -3.50
N VAL A 24 0.43 5.12 -3.32
CA VAL A 24 -0.67 4.61 -4.12
C VAL A 24 -0.58 5.12 -5.57
N ASP A 25 -0.78 4.21 -6.52
CA ASP A 25 -0.77 4.60 -7.93
C ASP A 25 -2.00 5.47 -8.18
N MET A 26 -1.80 6.77 -8.27
CA MET A 26 -2.88 7.71 -8.47
C MET A 26 -3.60 7.63 -9.80
N ASP A 27 -3.11 6.80 -10.70
CA ASP A 27 -3.76 6.62 -12.00
C ASP A 27 -4.74 5.47 -11.87
N ARG A 28 -4.64 4.74 -10.77
CA ARG A 28 -5.51 3.60 -10.56
C ARG A 28 -6.46 3.70 -9.39
N TYR A 29 -6.00 4.26 -8.27
CA TYR A 29 -6.86 4.33 -7.08
C TYR A 29 -6.87 5.69 -6.43
N PRO A 30 -7.08 6.74 -7.24
CA PRO A 30 -7.09 8.09 -6.67
C PRO A 30 -8.23 8.37 -5.69
N PHE A 31 -9.36 7.68 -5.84
CA PHE A 31 -10.47 7.93 -4.91
C PHE A 31 -10.17 7.37 -3.52
N TYR A 32 -9.66 6.14 -3.45
CA TYR A 32 -9.31 5.57 -2.16
C TYR A 32 -8.21 6.39 -1.50
N ALA A 33 -7.26 6.89 -2.30
CA ALA A 33 -6.18 7.71 -1.78
C ALA A 33 -6.79 8.97 -1.20
N LEU A 34 -7.78 9.53 -1.90
CA LEU A 34 -8.46 10.74 -1.47
C LEU A 34 -9.15 10.55 -0.10
N LEU A 35 -9.86 9.44 0.05
CA LEU A 35 -10.55 9.18 1.30
C LEU A 35 -9.57 9.18 2.48
N ILE A 36 -8.46 8.47 2.30
CA ILE A 36 -7.47 8.40 3.35
C ILE A 36 -6.81 9.75 3.58
N ASP A 37 -6.43 10.41 2.50
CA ASP A 37 -5.76 11.70 2.60
C ASP A 37 -6.59 12.78 3.29
N LYS A 38 -7.89 12.79 3.03
CA LYS A 38 -8.76 13.79 3.62
C LYS A 38 -9.26 13.36 5.00
N GLY A 39 -8.84 12.17 5.44
CA GLY A 39 -9.22 11.69 6.75
C GLY A 39 -10.66 11.27 6.97
N LEU A 40 -11.35 10.83 5.93
CA LEU A 40 -12.73 10.40 6.13
C LEU A 40 -12.77 9.09 6.87
N SER A 41 -13.79 8.93 7.71
CA SER A 41 -13.98 7.70 8.45
C SER A 41 -14.69 6.74 7.52
N LYS A 42 -14.82 5.50 7.95
CA LYS A 42 -15.51 4.47 7.18
C LYS A 42 -16.96 4.92 6.90
N GLU A 43 -17.64 5.40 7.93
CA GLU A 43 -19.03 5.87 7.78
C GLU A 43 -19.09 6.97 6.72
N GLU A 44 -18.15 7.91 6.76
CA GLU A 44 -18.13 8.98 5.78
C GLU A 44 -17.86 8.47 4.38
N GLY A 45 -16.88 7.56 4.27
CA GLY A 45 -16.56 7.03 2.96
C GLY A 45 -17.76 6.32 2.39
N GLU A 46 -18.43 5.53 3.22
CA GLU A 46 -19.61 4.80 2.75
C GLU A 46 -20.75 5.74 2.36
N ALA A 47 -20.86 6.86 3.06
CA ALA A 47 -21.92 7.84 2.77
C ALA A 47 -21.71 8.46 1.40
N VAL A 48 -20.44 8.63 1.00
CA VAL A 48 -20.15 9.20 -0.31
C VAL A 48 -20.61 8.22 -1.38
N MET A 49 -20.30 6.94 -1.19
CA MET A 49 -20.67 5.90 -2.16
C MET A 49 -22.20 5.80 -2.27
N ARG A 50 -22.91 5.93 -1.16
CA ARG A 50 -24.37 5.85 -1.19
C ARG A 50 -24.94 7.00 -2.03
N ILE A 51 -24.34 8.19 -1.92
CA ILE A 51 -24.80 9.33 -2.71
C ILE A 51 -24.59 8.98 -4.19
N CYS A 52 -23.43 8.42 -4.51
CA CYS A 52 -23.15 8.05 -5.91
C CYS A 52 -24.13 6.95 -6.35
N ASP A 53 -24.39 5.99 -5.47
CA ASP A 53 -25.35 4.92 -5.81
C ASP A 53 -26.69 5.53 -6.21
N GLU A 54 -27.26 6.33 -5.30
CA GLU A 54 -28.58 6.92 -5.53
C GLU A 54 -28.68 7.84 -6.75
N LEU A 55 -27.67 8.67 -6.96
CA LEU A 55 -27.68 9.55 -8.11
C LEU A 55 -27.48 8.74 -9.39
N SER A 56 -26.71 7.66 -9.32
CA SER A 56 -26.52 6.83 -10.51
C SER A 56 -27.84 6.14 -10.83
N GLU A 57 -28.52 5.67 -9.80
CA GLU A 57 -29.83 5.01 -10.01
C GLU A 57 -30.83 6.03 -10.54
N GLU A 58 -30.79 7.27 -10.05
CA GLU A 58 -31.72 8.30 -10.53
C GLU A 58 -31.39 8.62 -12.01
N LEU A 59 -30.10 8.61 -12.34
CA LEU A 59 -29.72 8.90 -13.71
C LEU A 59 -30.27 7.82 -14.66
N ALA A 60 -30.10 6.55 -14.30
CA ALA A 60 -30.58 5.47 -15.15
C ALA A 60 -32.10 5.53 -15.29
N THR A 61 -32.79 5.86 -14.20
CA THR A 61 -34.24 5.99 -14.22
C THR A 61 -34.67 7.12 -15.15
N GLN A 62 -34.07 8.30 -15.00
CA GLN A 62 -34.42 9.42 -15.86
C GLN A 62 -34.11 9.13 -17.33
N LYS A 63 -33.00 8.46 -17.61
CA LYS A 63 -32.68 8.12 -19.00
C LYS A 63 -33.79 7.21 -19.58
N ALA A 64 -34.26 6.26 -18.78
CA ALA A 64 -35.31 5.34 -19.20
C ALA A 64 -36.61 6.11 -19.47
N GLN A 65 -36.81 7.21 -18.75
CA GLN A 65 -37.99 8.02 -18.94
C GLN A 65 -37.87 9.00 -20.10
N GLY A 66 -36.73 9.01 -20.79
CA GLY A 66 -36.58 9.92 -21.91
C GLY A 66 -35.92 11.27 -21.60
N PHE A 67 -35.37 11.42 -20.40
CA PHE A 67 -34.68 12.66 -20.07
C PHE A 67 -33.32 12.61 -20.79
N VAL A 68 -32.82 13.75 -21.26
CA VAL A 68 -31.51 13.76 -21.92
C VAL A 68 -30.57 14.78 -21.28
N THR A 69 -31.04 15.52 -20.28
CA THR A 69 -30.19 16.48 -19.59
C THR A 69 -30.37 16.17 -18.11
N PHE A 70 -29.29 16.23 -17.36
CA PHE A 70 -29.34 15.87 -15.95
C PHE A 70 -28.53 16.82 -15.07
N ASP A 71 -28.51 18.09 -15.43
CA ASP A 71 -27.72 19.08 -14.70
C ASP A 71 -28.00 19.13 -13.21
N LYS A 72 -29.27 18.92 -12.86
CA LYS A 72 -29.68 18.95 -11.48
C LYS A 72 -28.96 17.90 -10.64
N LEU A 73 -28.61 16.76 -11.23
CA LEU A 73 -27.93 15.71 -10.47
C LEU A 73 -26.59 16.18 -9.91
N LEU A 74 -25.85 16.99 -10.67
CA LEU A 74 -24.56 17.52 -10.18
C LEU A 74 -24.78 18.47 -9.01
N ALA A 75 -25.79 19.34 -9.12
CA ALA A 75 -26.05 20.26 -8.01
C ALA A 75 -26.41 19.46 -6.75
N LEU A 76 -27.20 18.39 -6.89
CA LEU A 76 -27.56 17.58 -5.70
C LEU A 76 -26.30 16.94 -5.13
N PHE A 77 -25.45 16.43 -6.02
CA PHE A 77 -24.19 15.80 -5.59
C PHE A 77 -23.37 16.82 -4.79
N ALA A 78 -23.17 18.00 -5.37
CA ALA A 78 -22.38 19.05 -4.73
C ALA A 78 -23.01 19.49 -3.40
N GLY A 79 -24.34 19.48 -3.34
CA GLY A 79 -25.01 19.89 -2.13
C GLY A 79 -24.91 18.90 -0.98
N GLN A 80 -24.69 17.62 -1.26
CA GLN A 80 -24.64 16.66 -0.16
C GLN A 80 -23.25 16.08 0.10
N LEU A 81 -22.34 16.24 -0.85
CA LEU A 81 -20.98 15.69 -0.71
C LEU A 81 -20.26 16.21 0.53
N ASN A 82 -19.65 15.30 1.28
CA ASN A 82 -18.91 15.64 2.51
C ASN A 82 -18.07 16.89 2.27
N GLU A 83 -18.23 17.91 3.12
CA GLU A 83 -17.49 19.16 2.91
C GLU A 83 -15.98 19.08 3.00
N LYS A 84 -15.45 17.96 3.48
CA LYS A 84 -13.99 17.81 3.53
C LYS A 84 -13.48 17.52 2.12
N LEU A 85 -14.39 17.21 1.19
CA LEU A 85 -13.99 16.89 -0.17
C LEU A 85 -14.34 17.97 -1.17
N ASP A 86 -13.50 18.11 -2.19
CA ASP A 86 -13.75 19.07 -3.25
C ASP A 86 -14.55 18.32 -4.32
N VAL A 87 -15.57 18.97 -4.87
CA VAL A 87 -16.41 18.34 -5.88
C VAL A 87 -15.63 17.89 -7.11
N HIS A 88 -14.92 18.82 -7.75
CA HIS A 88 -14.14 18.46 -8.94
C HIS A 88 -13.19 17.33 -8.65
N GLU A 89 -12.41 17.47 -7.59
CA GLU A 89 -11.44 16.46 -7.24
C GLU A 89 -12.06 15.09 -7.01
N THR A 90 -13.16 15.04 -6.28
CA THR A 90 -13.81 13.77 -6.01
C THR A 90 -14.32 13.10 -7.28
N ILE A 91 -14.96 13.88 -8.13
CA ILE A 91 -15.52 13.36 -9.36
C ILE A 91 -14.45 12.77 -10.26
N PHE A 92 -13.36 13.50 -10.45
CA PHE A 92 -12.28 13.02 -11.30
C PHE A 92 -11.62 11.78 -10.69
N ALA A 93 -11.52 11.74 -9.36
CA ALA A 93 -10.92 10.58 -8.69
C ALA A 93 -11.80 9.34 -8.89
N LEU A 94 -13.10 9.49 -8.66
CA LEU A 94 -14.05 8.39 -8.83
C LEU A 94 -13.97 7.92 -10.27
N TYR A 95 -14.00 8.89 -11.18
CA TYR A 95 -13.93 8.58 -12.60
C TYR A 95 -12.68 7.79 -12.96
N GLU A 96 -11.52 8.28 -12.55
CA GLU A 96 -10.25 7.61 -12.86
C GLU A 96 -10.10 6.25 -12.23
N GLN A 97 -10.72 6.07 -11.06
CA GLN A 97 -10.64 4.77 -10.42
C GLN A 97 -11.63 3.80 -11.06
N GLY A 98 -12.39 4.28 -12.04
CA GLY A 98 -13.35 3.42 -12.72
C GLY A 98 -14.67 3.20 -11.96
N LEU A 99 -15.02 4.12 -11.08
CA LEU A 99 -16.26 3.95 -10.31
C LEU A 99 -17.37 4.82 -10.88
N TYR A 100 -18.63 4.38 -10.72
CA TYR A 100 -19.78 5.16 -11.19
C TYR A 100 -19.55 5.84 -12.51
N GLN A 101 -19.09 5.07 -13.49
N GLN A 101 -19.09 5.09 -13.50
CA GLN A 101 -18.77 5.57 -14.82
CA GLN A 101 -18.76 5.63 -14.81
C GLN A 101 -19.83 6.44 -15.48
C GLN A 101 -19.86 6.48 -15.45
N GLU A 102 -21.07 5.94 -15.54
CA GLU A 102 -22.16 6.68 -16.17
C GLU A 102 -22.40 8.04 -15.52
N LEU A 103 -22.54 8.05 -14.21
CA LEU A 103 -22.78 9.29 -13.50
C LEU A 103 -21.61 10.27 -13.64
N MET A 104 -20.38 9.77 -13.47
CA MET A 104 -19.20 10.63 -13.55
C MET A 104 -19.06 11.26 -14.93
N GLU A 105 -19.32 10.50 -15.99
CA GLU A 105 -19.21 11.09 -17.33
C GLU A 105 -20.24 12.19 -17.51
N VAL A 106 -21.42 12.00 -16.91
CA VAL A 106 -22.44 13.05 -16.99
C VAL A 106 -21.96 14.27 -16.20
N PHE A 107 -21.41 14.07 -15.00
CA PHE A 107 -20.94 15.19 -14.20
C PHE A 107 -19.80 15.92 -14.94
N ILE A 108 -18.88 15.15 -15.51
CA ILE A 108 -17.76 15.77 -16.23
C ILE A 108 -18.29 16.59 -17.39
N ASP A 109 -19.33 16.08 -18.06
CA ASP A 109 -19.94 16.80 -19.17
C ASP A 109 -20.56 18.09 -18.67
N ILE A 110 -21.29 18.03 -17.57
CA ILE A 110 -21.92 19.23 -17.04
C ILE A 110 -20.88 20.31 -16.66
N MET A 111 -19.80 19.87 -16.00
CA MET A 111 -18.76 20.82 -15.57
C MET A 111 -18.11 21.47 -16.76
N LYS A 112 -17.93 20.70 -17.81
CA LYS A 112 -17.36 21.19 -19.04
C LYS A 112 -18.23 22.32 -19.61
N HIS A 113 -19.55 22.20 -19.47
CA HIS A 113 -20.44 23.23 -20.00
C HIS A 113 -20.47 24.51 -19.17
N PHE A 114 -20.34 24.35 -17.86
CA PHE A 114 -20.42 25.49 -16.97
C PHE A 114 -19.10 26.05 -16.43
N ASP A 115 -18.03 25.27 -16.51
CA ASP A 115 -16.74 25.74 -16.03
C ASP A 115 -16.15 26.67 -17.10
N MET B 6 -9.45 5.90 21.70
CA MET B 6 -8.39 5.02 21.13
C MET B 6 -9.05 4.05 20.16
N ASP B 7 -10.26 3.64 20.48
CA ASP B 7 -11.04 2.71 19.67
C ASP B 7 -11.37 3.28 18.28
N HIS B 8 -11.72 4.56 18.24
CA HIS B 8 -12.08 5.20 16.98
C HIS B 8 -10.87 5.35 16.06
N ARG B 9 -9.70 5.57 16.63
CA ARG B 9 -8.48 5.72 15.85
C ARG B 9 -8.14 4.39 15.21
N ILE B 10 -8.32 3.31 15.98
CA ILE B 10 -8.04 1.98 15.47
C ILE B 10 -9.02 1.62 14.36
N GLU B 11 -10.29 1.99 14.55
CA GLU B 11 -11.32 1.69 13.55
C GLU B 11 -10.99 2.36 12.23
N ARG B 12 -10.51 3.59 12.30
CA ARG B 12 -10.17 4.31 11.09
C ARG B 12 -9.00 3.65 10.37
N LEU B 13 -8.01 3.19 11.15
CA LEU B 13 -6.84 2.50 10.58
C LEU B 13 -7.28 1.19 9.92
N GLU B 14 -8.25 0.51 10.53
CA GLU B 14 -8.75 -0.74 9.99
C GLU B 14 -9.41 -0.45 8.66
N TYR B 15 -10.12 0.66 8.60
CA TYR B 15 -10.78 1.05 7.36
C TYR B 15 -9.72 1.39 6.31
N TYR B 16 -8.69 2.13 6.70
CA TYR B 16 -7.67 2.51 5.73
C TYR B 16 -6.88 1.30 5.21
N ILE B 17 -6.65 0.31 6.06
CA ILE B 17 -5.96 -0.89 5.61
C ILE B 17 -6.87 -1.57 4.58
N GLN B 18 -8.17 -1.61 4.84
CA GLN B 18 -9.13 -2.22 3.92
C GLN B 18 -9.08 -1.51 2.56
N LEU B 19 -8.92 -0.20 2.60
CA LEU B 19 -8.83 0.57 1.36
C LEU B 19 -7.50 0.28 0.66
N LEU B 20 -6.41 0.36 1.42
CA LEU B 20 -5.09 0.12 0.86
C LEU B 20 -4.89 -1.28 0.27
N VAL B 21 -5.41 -2.31 0.92
CA VAL B 21 -5.23 -3.64 0.35
C VAL B 21 -5.88 -3.73 -1.04
N LYS B 22 -6.93 -2.92 -1.26
CA LYS B 22 -7.59 -2.91 -2.55
C LYS B 22 -6.70 -2.28 -3.63
N THR B 23 -5.66 -1.56 -3.22
CA THR B 23 -4.76 -0.93 -4.19
C THR B 23 -3.55 -1.79 -4.52
N VAL B 24 -3.48 -2.96 -3.91
CA VAL B 24 -2.34 -3.86 -4.14
C VAL B 24 -2.36 -4.44 -5.54
N ASP B 25 -1.19 -4.49 -6.18
CA ASP B 25 -1.08 -5.08 -7.52
C ASP B 25 -1.28 -6.59 -7.34
N MET B 26 -2.45 -7.09 -7.74
CA MET B 26 -2.75 -8.50 -7.60
C MET B 26 -1.96 -9.45 -8.47
N ASP B 27 -1.16 -8.90 -9.38
CA ASP B 27 -0.31 -9.72 -10.26
C ASP B 27 1.02 -9.93 -9.55
N ARG B 28 1.27 -9.14 -8.51
CA ARG B 28 2.52 -9.23 -7.80
C ARG B 28 2.43 -9.72 -6.36
N TYR B 29 1.41 -9.28 -5.61
CA TYR B 29 1.30 -9.68 -4.21
C TYR B 29 -0.09 -10.17 -3.81
N PRO B 30 -0.67 -11.07 -4.62
CA PRO B 30 -2.00 -11.58 -4.29
C PRO B 30 -2.08 -12.35 -2.97
N PHE B 31 -1.01 -13.01 -2.55
CA PHE B 31 -1.04 -13.76 -1.30
C PHE B 31 -1.11 -12.85 -0.09
N TYR B 32 -0.28 -11.80 -0.06
CA TYR B 32 -0.33 -10.86 1.04
C TYR B 32 -1.70 -10.17 1.05
N ALA B 33 -2.23 -9.89 -0.13
CA ALA B 33 -3.53 -9.25 -0.22
C ALA B 33 -4.57 -10.19 0.38
N LEU B 34 -4.41 -11.49 0.09
CA LEU B 34 -5.32 -12.50 0.58
C LEU B 34 -5.33 -12.56 2.13
N LEU B 35 -4.15 -12.57 2.74
CA LEU B 35 -4.06 -12.62 4.20
C LEU B 35 -4.81 -11.47 4.84
N ILE B 36 -4.60 -10.28 4.31
CA ILE B 36 -5.26 -9.10 4.86
C ILE B 36 -6.77 -9.15 4.63
N ASP B 37 -7.16 -9.43 3.38
CA ASP B 37 -8.57 -9.50 3.02
C ASP B 37 -9.37 -10.51 3.85
N LYS B 38 -8.77 -11.67 4.12
CA LYS B 38 -9.47 -12.69 4.90
C LYS B 38 -9.34 -12.49 6.40
N GLY B 39 -8.62 -11.45 6.81
CA GLY B 39 -8.49 -11.15 8.22
C GLY B 39 -7.63 -12.07 9.06
N LEU B 40 -6.62 -12.71 8.47
CA LEU B 40 -5.78 -13.58 9.27
C LEU B 40 -4.84 -12.77 10.16
N SER B 41 -4.58 -13.29 11.35
CA SER B 41 -3.66 -12.66 12.27
C SER B 41 -2.25 -13.03 11.84
N LYS B 42 -1.27 -12.42 12.48
CA LYS B 42 0.12 -12.70 12.19
C LYS B 42 0.42 -14.17 12.44
N GLU B 43 -0.08 -14.70 13.54
CA GLU B 43 0.14 -16.10 13.87
C GLU B 43 -0.48 -17.00 12.80
N GLU B 44 -1.65 -16.64 12.32
CA GLU B 44 -2.31 -17.44 11.29
C GLU B 44 -1.51 -17.37 9.98
N GLY B 45 -1.08 -16.16 9.63
CA GLY B 45 -0.30 -15.98 8.42
C GLY B 45 0.96 -16.81 8.49
N GLU B 46 1.65 -16.74 9.62
CA GLU B 46 2.88 -17.49 9.79
C GLU B 46 2.65 -19.00 9.73
N ALA B 47 1.53 -19.46 10.30
CA ALA B 47 1.21 -20.88 10.29
C ALA B 47 1.03 -21.39 8.86
N VAL B 48 0.47 -20.56 7.99
CA VAL B 48 0.30 -20.95 6.58
C VAL B 48 1.69 -21.19 5.94
N MET B 49 2.60 -20.24 6.16
CA MET B 49 3.94 -20.35 5.60
C MET B 49 4.64 -21.58 6.12
N ARG B 50 4.45 -21.89 7.40
CA ARG B 50 5.08 -23.05 7.99
C ARG B 50 4.59 -24.33 7.32
N ILE B 51 3.30 -24.41 6.97
CA ILE B 51 2.79 -25.61 6.29
C ILE B 51 3.49 -25.71 4.93
N CYS B 52 3.59 -24.58 4.23
CA CYS B 52 4.26 -24.56 2.93
C CYS B 52 5.72 -24.94 3.06
N ASP B 53 6.39 -24.45 4.11
CA ASP B 53 7.80 -24.79 4.33
C ASP B 53 7.94 -26.30 4.43
N GLU B 54 7.19 -26.89 5.37
CA GLU B 54 7.29 -28.33 5.58
C GLU B 54 6.94 -29.21 4.41
N LEU B 55 5.88 -28.86 3.68
CA LEU B 55 5.51 -29.67 2.53
C LEU B 55 6.53 -29.45 1.40
N SER B 56 7.13 -28.26 1.32
CA SER B 56 8.15 -27.99 0.29
C SER B 56 9.36 -28.87 0.59
N GLU B 57 9.72 -28.92 1.86
CA GLU B 57 10.84 -29.73 2.31
C GLU B 57 10.51 -31.21 2.09
N GLU B 58 9.26 -31.60 2.38
CA GLU B 58 8.89 -33.00 2.17
C GLU B 58 8.96 -33.30 0.68
N LEU B 59 8.51 -32.37 -0.15
CA LEU B 59 8.56 -32.61 -1.58
C LEU B 59 10.03 -32.79 -2.04
N ALA B 60 10.92 -31.88 -1.62
CA ALA B 60 12.34 -32.00 -2.04
C ALA B 60 12.91 -33.33 -1.59
N THR B 61 12.56 -33.74 -0.37
CA THR B 61 13.02 -35.01 0.18
C THR B 61 12.52 -36.21 -0.65
N GLN B 62 11.22 -36.22 -0.96
CA GLN B 62 10.69 -37.33 -1.74
C GLN B 62 11.30 -37.35 -3.15
N LYS B 63 11.47 -36.18 -3.76
CA LYS B 63 12.08 -36.14 -5.08
C LYS B 63 13.45 -36.81 -5.03
N ALA B 64 14.24 -36.46 -4.00
CA ALA B 64 15.59 -37.02 -3.81
C ALA B 64 15.54 -38.53 -3.65
N GLN B 65 14.49 -39.05 -3.03
CA GLN B 65 14.37 -40.47 -2.84
C GLN B 65 13.84 -41.20 -4.09
N GLY B 66 13.53 -40.45 -5.15
CA GLY B 66 13.06 -41.09 -6.36
C GLY B 66 11.54 -41.14 -6.58
N PHE B 67 10.78 -40.43 -5.76
CA PHE B 67 9.32 -40.39 -5.93
C PHE B 67 9.05 -39.46 -7.10
N VAL B 68 8.02 -39.75 -7.88
CA VAL B 68 7.67 -38.87 -9.00
C VAL B 68 6.22 -38.37 -8.96
N THR B 69 5.44 -38.84 -7.98
CA THR B 69 4.06 -38.41 -7.81
C THR B 69 3.95 -37.99 -6.36
N PHE B 70 3.24 -36.89 -6.10
CA PHE B 70 3.15 -36.36 -4.76
C PHE B 70 1.70 -35.92 -4.43
N ASP B 71 0.71 -36.60 -4.99
CA ASP B 71 -0.70 -36.24 -4.78
C ASP B 71 -1.08 -36.05 -3.32
N LYS B 72 -0.56 -36.92 -2.47
CA LYS B 72 -0.84 -36.88 -1.04
C LYS B 72 -0.46 -35.53 -0.39
N LEU B 73 0.55 -34.85 -0.93
CA LEU B 73 0.97 -33.56 -0.35
C LEU B 73 -0.14 -32.50 -0.44
N LEU B 74 -0.87 -32.48 -1.55
CA LEU B 74 -1.96 -31.53 -1.70
C LEU B 74 -3.05 -31.86 -0.68
N ALA B 75 -3.34 -33.14 -0.48
CA ALA B 75 -4.36 -33.53 0.49
C ALA B 75 -3.94 -33.07 1.88
N LEU B 76 -2.66 -33.22 2.23
CA LEU B 76 -2.18 -32.77 3.54
C LEU B 76 -2.34 -31.26 3.67
N PHE B 77 -2.04 -30.55 2.59
CA PHE B 77 -2.14 -29.09 2.57
C PHE B 77 -3.60 -28.65 2.79
N ALA B 78 -4.52 -29.26 2.03
CA ALA B 78 -5.94 -28.91 2.15
C ALA B 78 -6.45 -29.25 3.56
N GLY B 79 -5.91 -30.31 4.14
CA GLY B 79 -6.35 -30.71 5.46
C GLY B 79 -5.91 -29.81 6.59
N GLN B 80 -4.78 -29.12 6.45
CA GLN B 80 -4.31 -28.27 7.55
C GLN B 80 -4.47 -26.79 7.31
N LEU B 81 -4.66 -26.39 6.06
CA LEU B 81 -4.79 -24.98 5.73
C LEU B 81 -5.95 -24.28 6.45
N ASN B 82 -5.66 -23.09 7.01
CA ASN B 82 -6.63 -22.28 7.73
C ASN B 82 -7.99 -22.25 7.02
N GLU B 83 -9.04 -22.64 7.73
CA GLU B 83 -10.39 -22.71 7.16
C GLU B 83 -10.89 -21.40 6.56
N LYS B 84 -10.32 -20.27 6.97
CA LYS B 84 -10.74 -19.00 6.40
C LYS B 84 -10.27 -18.87 4.95
N LEU B 85 -9.37 -19.75 4.52
CA LEU B 85 -8.86 -19.66 3.15
C LEU B 85 -9.34 -20.77 2.24
N ASP B 86 -9.49 -20.46 0.96
CA ASP B 86 -9.88 -21.45 -0.04
C ASP B 86 -8.56 -22.04 -0.58
N VAL B 87 -8.52 -23.36 -0.75
CA VAL B 87 -7.31 -24.04 -1.23
C VAL B 87 -6.83 -23.53 -2.58
N HIS B 88 -7.69 -23.57 -3.59
CA HIS B 88 -7.33 -23.09 -4.92
C HIS B 88 -6.85 -21.66 -4.90
N GLU B 89 -7.63 -20.80 -4.26
CA GLU B 89 -7.28 -19.40 -4.20
C GLU B 89 -5.92 -19.14 -3.56
N THR B 90 -5.64 -19.82 -2.45
CA THR B 90 -4.37 -19.66 -1.75
C THR B 90 -3.19 -20.13 -2.58
N ILE B 91 -3.32 -21.29 -3.22
CA ILE B 91 -2.27 -21.86 -4.04
C ILE B 91 -1.92 -20.94 -5.21
N PHE B 92 -2.94 -20.45 -5.90
CA PHE B 92 -2.72 -19.56 -7.03
C PHE B 92 -2.11 -18.23 -6.58
N ALA B 93 -2.52 -17.74 -5.41
CA ALA B 93 -1.97 -16.49 -4.88
C ALA B 93 -0.50 -16.70 -4.51
N LEU B 94 -0.19 -17.81 -3.82
CA LEU B 94 1.20 -18.10 -3.45
C LEU B 94 2.04 -18.24 -4.73
N TYR B 95 1.53 -19.00 -5.69
CA TYR B 95 2.22 -19.19 -6.96
C TYR B 95 2.50 -17.87 -7.67
N GLU B 96 1.46 -17.06 -7.87
CA GLU B 96 1.59 -15.77 -8.55
C GLU B 96 2.52 -14.78 -7.85
N GLN B 97 2.63 -14.86 -6.54
CA GLN B 97 3.50 -13.96 -5.81
C GLN B 97 4.95 -14.47 -5.83
N GLY B 98 5.17 -15.65 -6.43
CA GLY B 98 6.52 -16.22 -6.51
C GLY B 98 6.98 -17.00 -5.29
N LEU B 99 6.05 -17.43 -4.45
CA LEU B 99 6.41 -18.16 -3.24
C LEU B 99 6.31 -19.67 -3.43
N TYR B 100 7.15 -20.43 -2.73
CA TYR B 100 7.11 -21.90 -2.80
C TYR B 100 6.83 -22.39 -4.20
N GLN B 101 7.59 -21.89 -5.17
N GLN B 101 7.62 -21.91 -5.16
CA GLN B 101 7.34 -22.27 -6.55
CA GLN B 101 7.44 -22.27 -6.55
C GLN B 101 7.31 -23.77 -6.84
C GLN B 101 7.32 -23.77 -6.83
N GLU B 102 8.26 -24.53 -6.31
CA GLU B 102 8.27 -25.98 -6.55
C GLU B 102 6.99 -26.63 -6.02
N LEU B 103 6.64 -26.37 -4.79
CA LEU B 103 5.44 -26.98 -4.24
C LEU B 103 4.17 -26.53 -4.99
N MET B 104 4.05 -25.24 -5.28
CA MET B 104 2.84 -24.76 -5.96
C MET B 104 2.66 -25.37 -7.33
N GLU B 105 3.75 -25.55 -8.07
CA GLU B 105 3.64 -26.12 -9.40
C GLU B 105 3.17 -27.56 -9.30
N VAL B 106 3.58 -28.26 -8.25
CA VAL B 106 3.14 -29.64 -8.06
C VAL B 106 1.64 -29.61 -7.69
N PHE B 107 1.24 -28.65 -6.86
CA PHE B 107 -0.17 -28.56 -6.49
C PHE B 107 -1.03 -28.22 -7.70
N ILE B 108 -0.59 -27.25 -8.50
CA ILE B 108 -1.35 -26.86 -9.69
C ILE B 108 -1.48 -28.03 -10.64
N ASP B 109 -0.42 -28.85 -10.75
CA ASP B 109 -0.45 -30.03 -11.61
C ASP B 109 -1.49 -31.02 -11.07
N ILE B 110 -1.45 -31.27 -9.78
CA ILE B 110 -2.39 -32.21 -9.20
C ILE B 110 -3.84 -31.75 -9.44
N MET B 111 -4.09 -30.45 -9.23
CA MET B 111 -5.44 -29.94 -9.41
C MET B 111 -5.87 -30.09 -10.85
N LYS B 112 -4.96 -29.90 -11.79
CA LYS B 112 -5.32 -30.06 -13.20
C LYS B 112 -5.76 -31.48 -13.49
N HIS B 113 -5.16 -32.44 -12.80
CA HIS B 113 -5.52 -33.85 -13.03
C HIS B 113 -6.86 -34.23 -12.42
N PHE B 114 -7.20 -33.60 -11.32
CA PHE B 114 -8.43 -33.96 -10.62
C PHE B 114 -9.60 -33.01 -10.72
N ASP B 115 -9.34 -31.75 -11.06
CA ASP B 115 -10.43 -30.78 -11.17
C ASP B 115 -11.27 -31.10 -12.40
N ASP C 4 -7.25 -3.60 26.71
CA ASP C 4 -7.79 -4.96 27.03
C ASP C 4 -7.57 -5.87 25.81
N SER C 5 -8.41 -5.70 24.80
CA SER C 5 -8.35 -6.47 23.56
C SER C 5 -8.01 -5.52 22.41
N MET C 6 -7.73 -4.27 22.78
CA MET C 6 -7.38 -3.24 21.83
C MET C 6 -5.97 -3.55 21.34
N ASP C 7 -5.22 -4.25 22.18
CA ASP C 7 -3.85 -4.65 21.88
C ASP C 7 -3.83 -5.58 20.66
N HIS C 8 -4.76 -6.53 20.64
CA HIS C 8 -4.84 -7.49 19.56
C HIS C 8 -5.20 -6.87 18.21
N ARG C 9 -6.13 -5.91 18.22
CA ARG C 9 -6.52 -5.26 16.98
C ARG C 9 -5.34 -4.46 16.44
N ILE C 10 -4.58 -3.84 17.33
CA ILE C 10 -3.41 -3.06 16.94
C ILE C 10 -2.31 -3.97 16.39
N GLU C 11 -2.11 -5.12 17.04
CA GLU C 11 -1.10 -6.09 16.61
C GLU C 11 -1.37 -6.56 15.20
N ARG C 12 -2.65 -6.70 14.90
CA ARG C 12 -3.11 -7.14 13.58
C ARG C 12 -2.77 -6.05 12.55
N LEU C 13 -3.03 -4.79 12.89
CA LEU C 13 -2.75 -3.66 12.01
C LEU C 13 -1.24 -3.54 11.76
N GLU C 14 -0.45 -3.85 12.78
CA GLU C 14 1.00 -3.80 12.67
C GLU C 14 1.45 -4.89 11.71
N TYR C 15 0.83 -6.06 11.80
CA TYR C 15 1.17 -7.14 10.88
C TYR C 15 0.83 -6.73 9.45
N TYR C 16 -0.35 -6.13 9.27
CA TYR C 16 -0.80 -5.71 7.96
C TYR C 16 0.07 -4.60 7.34
N ILE C 17 0.59 -3.70 8.16
CA ILE C 17 1.47 -2.66 7.62
C ILE C 17 2.75 -3.37 7.15
N GLN C 18 3.21 -4.35 7.92
CA GLN C 18 4.41 -5.11 7.54
C GLN C 18 4.23 -5.83 6.21
N LEU C 19 3.00 -6.29 5.94
CA LEU C 19 2.75 -6.99 4.69
C LEU C 19 2.64 -5.98 3.56
N LEU C 20 1.94 -4.89 3.83
CA LEU C 20 1.75 -3.86 2.83
C LEU C 20 3.06 -3.16 2.40
N VAL C 21 3.98 -2.90 3.33
CA VAL C 21 5.23 -2.23 2.94
C VAL C 21 6.01 -3.12 1.98
N LYS C 22 5.83 -4.44 2.11
CA LYS C 22 6.51 -5.37 1.19
C LYS C 22 5.93 -5.26 -0.22
N THR C 23 4.76 -4.64 -0.36
CA THR C 23 4.15 -4.51 -1.68
C THR C 23 4.48 -3.18 -2.35
N VAL C 24 5.27 -2.35 -1.68
CA VAL C 24 5.61 -1.04 -2.23
C VAL C 24 6.56 -1.16 -3.43
N ASP C 25 6.32 -0.37 -4.45
CA ASP C 25 7.17 -0.36 -5.64
C ASP C 25 8.52 0.24 -5.18
N MET C 26 9.53 -0.60 -5.05
CA MET C 26 10.81 -0.12 -4.59
C MET C 26 11.59 0.76 -5.56
N ASP C 27 11.09 0.91 -6.78
CA ASP C 27 11.74 1.78 -7.76
C ASP C 27 11.15 3.17 -7.63
N ARG C 28 10.08 3.29 -6.85
CA ARG C 28 9.42 4.58 -6.71
C ARG C 28 9.40 5.14 -5.31
N TYR C 29 9.23 4.29 -4.30
CA TYR C 29 9.14 4.76 -2.93
C TYR C 29 10.01 4.01 -1.94
N PRO C 30 11.28 3.74 -2.30
CA PRO C 30 12.16 3.00 -1.39
C PRO C 30 12.42 3.69 -0.06
N PHE C 31 12.38 5.02 -0.04
CA PHE C 31 12.64 5.72 1.22
C PHE C 31 11.49 5.57 2.21
N TYR C 32 10.26 5.75 1.73
CA TYR C 32 9.11 5.56 2.63
C TYR C 32 9.10 4.11 3.11
N ALA C 33 9.45 3.18 2.22
CA ALA C 33 9.48 1.76 2.58
C ALA C 33 10.51 1.53 3.68
N LEU C 34 11.66 2.20 3.56
CA LEU C 34 12.74 2.08 4.53
C LEU C 34 12.31 2.57 5.93
N LEU C 35 11.64 3.72 5.98
CA LEU C 35 11.18 4.27 7.25
C LEU C 35 10.29 3.27 7.98
N ILE C 36 9.36 2.69 7.23
CA ILE C 36 8.44 1.72 7.81
C ILE C 36 9.16 0.45 8.20
N ASP C 37 9.98 -0.06 7.29
CA ASP C 37 10.70 -1.29 7.52
C ASP C 37 11.65 -1.24 8.72
N LYS C 38 12.26 -0.07 8.96
CA LYS C 38 13.18 0.07 10.07
C LYS C 38 12.46 0.49 11.34
N GLY C 39 11.14 0.68 11.25
CA GLY C 39 10.34 1.04 12.42
C GLY C 39 10.54 2.44 12.96
N LEU C 40 10.85 3.41 12.10
CA LEU C 40 11.03 4.76 12.61
C LEU C 40 9.69 5.41 12.92
N SER C 41 9.69 6.21 13.97
CA SER C 41 8.49 6.92 14.38
C SER C 41 8.36 8.12 13.48
N LYS C 42 7.22 8.82 13.61
CA LYS C 42 6.99 10.02 12.81
C LYS C 42 8.05 11.07 13.14
N GLU C 43 8.34 11.24 14.43
CA GLU C 43 9.35 12.21 14.85
C GLU C 43 10.72 11.86 14.23
N GLU C 44 11.08 10.59 14.22
CA GLU C 44 12.34 10.14 13.65
C GLU C 44 12.39 10.37 12.13
N GLY C 45 11.31 10.00 11.44
CA GLY C 45 11.28 10.20 10.00
C GLY C 45 11.45 11.68 9.69
N GLU C 46 10.71 12.52 10.40
CA GLU C 46 10.80 13.96 10.17
C GLU C 46 12.19 14.52 10.50
N ALA C 47 12.86 13.93 11.49
CA ALA C 47 14.20 14.41 11.86
C ALA C 47 15.18 14.13 10.72
N VAL C 48 15.00 13.00 10.05
CA VAL C 48 15.82 12.66 8.89
C VAL C 48 15.63 13.69 7.77
N MET C 49 14.38 14.04 7.49
CA MET C 49 14.09 15.02 6.44
C MET C 49 14.71 16.35 6.81
N ARG C 50 14.66 16.70 8.09
CA ARG C 50 15.22 17.99 8.52
C ARG C 50 16.75 18.02 8.26
N ILE C 51 17.44 16.90 8.46
CA ILE C 51 18.90 16.87 8.22
C ILE C 51 19.13 17.10 6.73
N CYS C 52 18.34 16.42 5.89
CA CYS C 52 18.44 16.60 4.45
C CYS C 52 18.14 18.04 4.05
N ASP C 53 17.12 18.65 4.67
CA ASP C 53 16.77 20.04 4.37
C ASP C 53 17.98 20.94 4.61
N GLU C 54 18.54 20.86 5.83
CA GLU C 54 19.63 21.73 6.19
C GLU C 54 20.92 21.51 5.40
N LEU C 55 21.28 20.25 5.12
CA LEU C 55 22.47 20.01 4.33
C LEU C 55 22.22 20.43 2.88
N SER C 56 20.98 20.29 2.41
CA SER C 56 20.68 20.73 1.05
C SER C 56 20.82 22.24 0.96
N GLU C 57 20.35 22.93 2.01
CA GLU C 57 20.46 24.37 2.00
C GLU C 57 21.91 24.81 2.14
N GLU C 58 22.69 24.10 2.95
CA GLU C 58 24.11 24.43 3.13
C GLU C 58 24.81 24.21 1.78
N LEU C 59 24.46 23.14 1.09
CA LEU C 59 25.05 22.85 -0.20
C LEU C 59 24.75 23.99 -1.16
N ALA C 60 23.47 24.39 -1.24
CA ALA C 60 23.10 25.47 -2.15
C ALA C 60 23.87 26.76 -1.82
N THR C 61 24.03 27.03 -0.52
CA THR C 61 24.74 28.21 -0.06
C THR C 61 26.23 28.14 -0.41
N GLN C 62 26.86 26.99 -0.18
CA GLN C 62 28.27 26.88 -0.53
C GLN C 62 28.47 26.99 -2.04
N LYS C 63 27.57 26.41 -2.83
CA LYS C 63 27.72 26.53 -4.29
C LYS C 63 27.66 27.99 -4.72
N ALA C 64 26.73 28.75 -4.12
CA ALA C 64 26.59 30.16 -4.44
C ALA C 64 27.84 30.93 -4.02
N GLN C 65 28.54 30.46 -2.99
CA GLN C 65 29.76 31.14 -2.55
C GLN C 65 30.99 30.72 -3.37
N GLY C 66 30.83 29.77 -4.29
CA GLY C 66 31.98 29.36 -5.11
C GLY C 66 32.69 28.08 -4.72
N PHE C 67 32.17 27.36 -3.72
CA PHE C 67 32.75 26.08 -3.34
C PHE C 67 32.42 25.08 -4.44
N VAL C 68 33.31 24.11 -4.65
CA VAL C 68 33.07 23.08 -5.66
C VAL C 68 33.26 21.68 -5.10
N THR C 69 33.67 21.60 -3.84
CA THR C 69 33.82 20.30 -3.19
C THR C 69 33.02 20.44 -1.89
N PHE C 70 32.36 19.37 -1.48
CA PHE C 70 31.48 19.44 -0.29
C PHE C 70 31.56 18.14 0.50
N ASP C 71 32.73 17.50 0.48
CA ASP C 71 32.90 16.22 1.16
C ASP C 71 32.43 16.21 2.62
N LYS C 72 32.65 17.31 3.31
CA LYS C 72 32.30 17.37 4.69
C LYS C 72 30.78 17.23 4.92
N LEU C 73 29.97 17.56 3.92
CA LEU C 73 28.52 17.42 4.11
C LEU C 73 28.14 15.95 4.31
N LEU C 74 28.83 15.03 3.64
CA LEU C 74 28.52 13.61 3.82
C LEU C 74 28.90 13.15 5.23
N ALA C 75 30.04 13.61 5.74
CA ALA C 75 30.46 13.23 7.09
C ALA C 75 29.42 13.77 8.10
N LEU C 76 28.95 15.00 7.92
CA LEU C 76 27.94 15.56 8.82
C LEU C 76 26.65 14.70 8.76
N PHE C 77 26.23 14.34 7.56
CA PHE C 77 25.04 13.51 7.35
C PHE C 77 25.21 12.19 8.08
N ALA C 78 26.32 11.50 7.79
CA ALA C 78 26.58 10.23 8.43
C ALA C 78 26.66 10.34 9.94
N GLY C 79 27.17 11.45 10.46
CA GLY C 79 27.26 11.55 11.90
C GLY C 79 25.95 11.84 12.62
N GLN C 80 24.94 12.37 11.92
CA GLN C 80 23.69 12.70 12.60
C GLN C 80 22.54 11.77 12.23
N LEU C 81 22.67 11.05 11.12
CA LEU C 81 21.61 10.15 10.68
C LEU C 81 21.24 9.08 11.71
N ASN C 82 19.94 8.92 11.93
CA ASN C 82 19.41 7.94 12.87
C ASN C 82 20.16 6.60 12.81
N GLU C 83 20.65 6.13 13.95
CA GLU C 83 21.39 4.88 14.03
C GLU C 83 20.69 3.67 13.42
N LYS C 84 19.37 3.69 13.39
CA LYS C 84 18.62 2.57 12.81
C LYS C 84 18.80 2.47 11.30
N LEU C 85 19.33 3.51 10.68
CA LEU C 85 19.48 3.49 9.23
C LEU C 85 20.92 3.40 8.76
N ASP C 86 21.10 2.78 7.60
CA ASP C 86 22.41 2.67 6.97
C ASP C 86 22.56 3.88 6.06
N VAL C 87 23.73 4.53 6.13
CA VAL C 87 24.00 5.70 5.31
C VAL C 87 23.81 5.46 3.82
N HIS C 88 24.49 4.45 3.28
CA HIS C 88 24.39 4.14 1.85
C HIS C 88 22.96 3.84 1.46
N GLU C 89 22.33 2.94 2.20
CA GLU C 89 20.95 2.55 1.90
C GLU C 89 19.98 3.73 1.91
N THR C 90 20.11 4.59 2.91
CA THR C 90 19.23 5.76 3.01
C THR C 90 19.44 6.71 1.85
N ILE C 91 20.70 7.00 1.52
CA ILE C 91 21.01 7.91 0.44
C ILE C 91 20.46 7.40 -0.88
N PHE C 92 20.68 6.14 -1.17
CA PHE C 92 20.19 5.59 -2.42
C PHE C 92 18.67 5.57 -2.45
N ALA C 93 18.05 5.34 -1.31
CA ALA C 93 16.58 5.31 -1.22
C ALA C 93 16.03 6.73 -1.47
N LEU C 94 16.59 7.73 -0.80
CA LEU C 94 16.17 9.11 -0.99
C LEU C 94 16.33 9.48 -2.46
N TYR C 95 17.50 9.12 -3.01
CA TYR C 95 17.79 9.42 -4.41
C TYR C 95 16.80 8.79 -5.36
N GLU C 96 16.55 7.50 -5.23
CA GLU C 96 15.62 6.78 -6.11
C GLU C 96 14.19 7.28 -5.99
N GLN C 97 13.81 7.74 -4.80
CA GLN C 97 12.46 8.25 -4.63
C GLN C 97 12.34 9.69 -5.18
N GLY C 98 13.47 10.25 -5.62
CA GLY C 98 13.45 11.60 -6.16
C GLY C 98 13.52 12.71 -5.14
N LEU C 99 14.01 12.43 -3.94
CA LEU C 99 14.07 13.45 -2.91
C LEU C 99 15.49 14.03 -2.79
N TYR C 100 15.59 15.31 -2.41
CA TYR C 100 16.90 15.95 -2.19
C TYR C 100 17.89 15.53 -3.26
N GLN C 101 17.49 15.72 -4.52
N GLN C 101 17.50 15.72 -4.52
CA GLN C 101 18.32 15.32 -5.64
CA GLN C 101 18.32 15.31 -5.64
C GLN C 101 19.72 15.91 -5.63
C GLN C 101 19.71 15.92 -5.70
N GLU C 102 19.81 17.23 -5.49
CA GLU C 102 21.11 17.90 -5.51
C GLU C 102 22.04 17.33 -4.43
N LEU C 103 21.56 17.29 -3.20
CA LEU C 103 22.39 16.76 -2.12
C LEU C 103 22.74 15.28 -2.33
N MET C 104 21.76 14.48 -2.74
CA MET C 104 22.03 13.06 -2.93
C MET C 104 23.07 12.81 -4.01
N GLU C 105 22.99 13.54 -5.13
CA GLU C 105 23.97 13.34 -6.20
C GLU C 105 25.37 13.69 -5.70
N VAL C 106 25.47 14.71 -4.86
CA VAL C 106 26.75 15.08 -4.30
C VAL C 106 27.22 13.95 -3.36
N PHE C 107 26.32 13.41 -2.54
CA PHE C 107 26.69 12.33 -1.65
C PHE C 107 27.12 11.10 -2.44
N ILE C 108 26.37 10.79 -3.50
CA ILE C 108 26.71 9.61 -4.29
C ILE C 108 28.09 9.79 -4.95
N ASP C 109 28.39 11.04 -5.33
CA ASP C 109 29.67 11.34 -5.94
C ASP C 109 30.80 11.12 -4.91
N ILE C 110 30.62 11.69 -3.73
CA ILE C 110 31.63 11.54 -2.68
C ILE C 110 31.89 10.06 -2.38
N MET C 111 30.82 9.28 -2.30
CA MET C 111 30.96 7.86 -2.01
C MET C 111 31.70 7.14 -3.11
N LYS C 112 31.53 7.55 -4.35
CA LYS C 112 32.26 6.90 -5.43
C LYS C 112 33.75 7.16 -5.30
N HIS C 113 34.13 8.34 -4.80
CA HIS C 113 35.55 8.68 -4.63
C HIS C 113 36.21 7.94 -3.48
N PHE C 114 35.44 7.65 -2.43
CA PHE C 114 35.99 7.04 -1.24
C PHE C 114 35.66 5.59 -0.94
N ASP C 115 34.63 5.04 -1.59
CA ASP C 115 34.28 3.65 -1.33
C ASP C 115 35.29 2.69 -1.94
ZN ZN D . -30.15 2.62 -4.33
NA NA E . -25.56 20.36 2.66
C1 MPD F . -20.57 0.67 -2.32
C2 MPD F . -22.02 0.33 -2.03
O2 MPD F . -22.60 1.52 -1.45
CM MPD F . -22.74 -0.02 -3.28
C3 MPD F . -22.18 -0.85 -1.02
C4 MPD F . -23.03 -0.63 0.24
O4 MPD F . -24.36 -0.32 -0.11
C5 MPD F . -23.06 -1.88 1.10
C1 MPD G . -25.71 23.72 -10.57
C2 MPD G . -25.28 23.53 -12.01
O2 MPD G . -23.85 23.79 -12.04
CM MPD G . -25.55 22.15 -12.46
C3 MPD G . -25.96 24.51 -12.99
C4 MPD G . -25.78 26.02 -12.73
O4 MPD G . -24.42 26.40 -12.77
C5 MPD G . -26.51 26.86 -13.78
C1 MPD H . -21.30 22.72 -9.28
C2 MPD H . -19.81 22.84 -9.54
O2 MPD H . -19.44 24.16 -9.12
CM MPD H . -19.04 21.84 -8.78
C3 MPD H . -19.43 22.70 -11.04
C4 MPD H . -20.13 23.63 -12.02
O4 MPD H . -19.85 24.98 -11.74
C5 MPD H . -19.67 23.37 -13.44
C1 MPD I . -32.29 11.46 -6.44
C2 MPD I . -33.50 10.88 -5.75
O2 MPD I . -33.77 9.63 -6.40
CM MPD I . -33.25 10.65 -4.29
C3 MPD I . -34.80 11.74 -5.93
C4 MPD I . -34.86 13.13 -5.26
O4 MPD I . -33.85 13.99 -5.77
C5 MPD I . -36.19 13.82 -5.54
C1 MPD J . -34.24 22.10 -3.21
C2 MPD J . -33.13 21.39 -3.95
O2 MPD J . -32.91 22.16 -5.15
CM MPD J . -31.89 21.35 -3.14
C3 MPD J . -33.47 19.94 -4.41
C4 MPD J . -34.91 19.60 -4.79
O4 MPD J . -35.37 20.39 -5.86
C5 MPD J . -35.04 18.14 -5.22
C1 MPD K . -31.11 22.30 -13.96
C2 MPD K . -30.50 23.28 -13.00
O2 MPD K . -29.07 23.11 -13.12
CM MPD K . -30.88 24.69 -13.34
C3 MPD K . -30.90 23.02 -11.52
C4 MPD K . -29.79 23.05 -10.45
O4 MPD K . -29.14 24.30 -10.41
C5 MPD K . -30.36 22.78 -9.06
C1 GOL L . -22.33 21.91 1.65
O1 GOL L . -22.93 22.48 0.50
C2 GOL L . -22.41 20.37 1.62
O2 GOL L . -21.55 19.83 0.60
C3 GOL L . -21.99 19.86 3.00
O3 GOL L . -22.81 18.79 3.43
C1 GOL M . -27.58 18.03 3.60
O1 GOL M . -26.65 16.97 3.78
C2 GOL M . -27.78 18.33 2.11
O2 GOL M . -28.41 17.23 1.46
C3 GOL M . -28.61 19.61 1.96
O3 GOL M . -28.45 20.15 0.66
ZN ZN N . 11.26 -27.11 7.93
NA NA O . -7.99 -30.07 9.93
C1 MPD P . 8.94 -17.57 6.86
C2 MPD P . 9.20 -18.85 7.65
O2 MPD P . 8.00 -19.60 7.57
CM MPD P . 10.31 -19.64 7.07
C3 MPD P . 9.46 -18.61 9.18
C4 MPD P . 10.80 -17.96 9.62
O4 MPD P . 10.97 -16.67 9.08
C5 MPD P . 10.86 -17.82 11.14
C1 MPD Q . -7.16 -34.46 -4.52
C2 MPD Q . -6.46 -35.65 -3.90
O2 MPD Q . -5.06 -35.33 -3.95
CM MPD Q . -6.87 -35.84 -2.47
C3 MPD Q . -6.63 -36.98 -4.68
C4 MPD Q . -8.03 -37.64 -4.69
O4 MPD Q . -9.00 -36.78 -5.27
C5 MPD Q . -8.02 -38.94 -5.49
C1 MPD R . -10.26 -29.96 -3.15
C2 MPD R . -8.77 -29.85 -3.36
O2 MPD R . -8.51 -28.50 -3.79
CM MPD R . -8.02 -30.15 -2.11
C3 MPD R . -8.21 -30.79 -4.47
C4 MPD R . -8.95 -30.80 -5.81
O4 MPD R . -8.94 -29.54 -6.41
C5 MPD R . -8.30 -31.76 -6.78
C1 MPD S . -8.40 -4.85 8.73
C2 MPD S . -9.58 -5.81 8.62
O2 MPD S . -9.39 -6.79 9.66
CM MPD S . -10.88 -5.10 8.82
C3 MPD S . -9.65 -6.63 7.29
C4 MPD S . -9.72 -5.87 5.96
O4 MPD S . -8.56 -5.10 5.74
C5 MPD S . -9.81 -6.83 4.78
C1 MPD T . 0.30 -39.02 6.47
C2 MPD T . -0.87 -39.94 6.80
O2 MPD T . -1.35 -40.44 5.55
CM MPD T . -0.43 -41.07 7.67
C3 MPD T . -2.03 -39.19 7.53
C4 MPD T . -3.19 -38.63 6.70
O4 MPD T . -3.88 -39.65 6.01
C5 MPD T . -4.22 -37.93 7.57
C1 GOL U . -10.28 -28.50 7.62
O1 GOL U . -10.22 -29.62 6.74
C2 GOL U . -8.93 -27.77 7.70
O2 GOL U . -8.59 -27.17 6.44
C3 GOL U . -9.01 -26.70 8.79
O3 GOL U . -8.10 -26.97 9.84
C1 GOL V . -5.52 -30.32 11.89
O1 GOL V . -5.53 -28.95 11.54
C2 GOL V . -4.91 -31.15 10.75
O2 GOL V . -3.57 -31.53 11.08
C3 GOL V . -5.77 -32.40 10.55
O3 GOL V . -5.65 -32.87 9.22
ZN ZN W . 16.25 25.04 6.59
NA NA X . 25.86 11.25 16.55
C1 MPD Y . 6.97 -1.21 12.82
C2 MPD Y . 6.00 -2.22 12.25
O2 MPD Y . 6.18 -3.42 13.03
CM MPD Y . 4.59 -1.75 12.37
C3 MPD Y . 6.25 -2.59 10.76
C4 MPD Y . 7.70 -2.93 10.33
O4 MPD Y . 8.22 -4.02 11.04
C5 MPD Y . 7.77 -3.27 8.84
C1 MPD Z . 9.27 17.88 5.69
C2 MPD Z . 10.40 18.89 5.87
O2 MPD Z . 11.57 18.11 6.13
CM MPD Z . 10.60 19.71 4.64
C3 MPD Z . 10.25 19.83 7.09
C4 MPD Z . 8.99 20.70 7.22
O4 MPD Z . 7.80 19.95 7.30
C5 MPD Z . 9.07 21.54 8.46
C1 MPD AA . 32.43 7.60 1.66
C2 MPD AA . 32.20 6.53 2.69
O2 MPD AA . 31.17 5.67 2.14
CM MPD AA . 33.44 5.74 2.95
C3 MPD AA . 31.69 7.08 4.05
C4 MPD AA . 30.19 7.23 4.29
O4 MPD AA . 29.53 5.98 4.23
C5 MPD AA . 29.92 7.80 5.67
C1 MPD BA . 33.76 10.19 3.85
C2 MPD BA . 34.42 11.48 4.28
O2 MPD BA . 33.69 12.51 3.62
CM MPD BA . 34.33 11.66 5.76
C3 MPD BA . 35.90 11.64 3.82
C4 MPD BA . 36.97 10.69 4.41
O4 MPD BA . 36.69 9.34 4.09
C5 MPD BA . 38.34 11.02 3.85
C1 MPD CA . 25.85 25.24 8.50
C2 MPD CA . 25.68 23.77 8.84
O2 MPD CA . 25.09 23.74 10.17
CM MPD CA . 24.78 23.08 7.87
C3 MPD CA . 27.02 23.00 8.92
C4 MPD CA . 28.10 23.55 9.85
O4 MPD CA . 27.66 23.59 11.18
C5 MPD CA . 29.36 22.69 9.81
C1 MPD DA . 32.20 17.57 12.05
C2 MPD DA . 33.28 18.32 12.81
O2 MPD DA . 32.90 18.26 14.20
CM MPD DA . 34.61 17.69 12.60
C3 MPD DA . 33.40 19.83 12.46
C4 MPD DA . 32.10 20.62 12.25
O4 MPD DA . 31.32 20.60 13.41
C5 MPD DA . 32.38 22.07 11.91
C1 GOL EA . 26.27 7.96 15.23
O1 GOL EA . 27.47 8.18 14.49
C2 GOL EA . 25.10 8.76 14.65
O2 GOL EA . 24.81 8.37 13.29
C3 GOL EA . 23.87 8.53 15.54
O3 GOL EA . 23.13 9.72 15.73
C1 GOL FA . 24.44 14.09 17.31
O1 GOL FA . 23.13 13.63 17.02
C2 GOL FA . 25.26 14.24 16.04
O2 GOL FA . 24.58 15.08 15.09
C3 GOL FA . 26.64 14.79 16.37
O3 GOL FA . 27.65 14.03 15.74
#